data_7WEF
#
_entry.id   7WEF
#
_cell.length_a   1.00
_cell.length_b   1.00
_cell.length_c   1.00
_cell.angle_alpha   90.00
_cell.angle_beta   90.00
_cell.angle_gamma   90.00
#
_symmetry.space_group_name_H-M   'P 1'
#
loop_
_entity.id
_entity.type
_entity.pdbx_description
1 polymer 'The heavy chain of Fab XGv289'
2 polymer 'Spike protein S1'
3 polymer 'The light chain of Fab XGv289'
#
loop_
_entity_poly.entity_id
_entity_poly.type
_entity_poly.pdbx_seq_one_letter_code
_entity_poly.pdbx_strand_id
1 'polypeptide(L)'
;QVQLVQSGAEVKKPGASLKVSCRASGYTFTSHFIHWVRQAPGQGLEWMGIINPSGGASYAQNFRDRVTMTTDPSTSTVYM
ELGSLRSEDTAVYYCARAEGSSWLGWFDPWGQGTLVTVSS
;
C
2 'polypeptide(L)'
;PNITNLCPFDEVFNATRFASVYAWNRKRISNCVADYSVLYNLAPFFTFKCYGVSPTKLNDLCFTNVYADSFVIRGDEVRQ
IAPGQTGKIADYNYKLPDDFTGCVIAWNSNNLDSKVGGNYNYLYRLFRKSNLKPFERDISTEIYQAGNKPCNGVAGFNCY
FPLRSYSFRPTYGVGHQPYRVVVLSFELLHAPATVCGPKKS
;
E
3 'polypeptide(L)'
;SVLTQPPSASGTPGQRVTIPCSGSSSNIGNNYVYWYQQLPGTAPKLLVYGNNQRPSGVPDRFSVSKSGTSASLAISGLRS
EDEADYYCAAWDDGLSGSGWVFGGGTKLTVL
;
L
#
# COMPACT_ATOMS: atom_id res chain seq x y z
N GLN A 1 29.22 -4.90 9.02
CA GLN A 1 28.85 -5.54 10.28
C GLN A 1 27.35 -5.48 10.51
N VAL A 2 26.59 -5.83 9.49
CA VAL A 2 25.13 -5.89 9.56
C VAL A 2 24.71 -7.34 9.63
N GLN A 3 23.87 -7.65 10.62
CA GLN A 3 23.42 -9.02 10.82
C GLN A 3 22.17 -8.99 11.68
N LEU A 4 21.41 -10.09 11.62
CA LEU A 4 20.18 -10.24 12.40
C LEU A 4 20.24 -11.61 13.09
N VAL A 5 20.63 -11.61 14.36
CA VAL A 5 20.88 -12.83 15.11
C VAL A 5 19.61 -13.30 15.80
N GLN A 6 19.39 -14.60 15.82
CA GLN A 6 18.28 -15.23 16.53
C GLN A 6 18.80 -16.32 17.45
N SER A 7 17.87 -17.09 18.02
CA SER A 7 18.21 -18.16 18.93
C SER A 7 17.43 -19.43 18.57
N GLY A 8 18.09 -20.57 18.75
CA GLY A 8 17.49 -21.84 18.36
C GLY A 8 16.33 -22.25 19.24
N ALA A 9 15.57 -23.22 18.75
CA ALA A 9 14.38 -23.70 19.44
C ALA A 9 14.26 -25.20 19.26
N GLU A 10 13.47 -25.83 20.13
CA GLU A 10 13.27 -27.26 20.12
C GLU A 10 11.80 -27.59 19.85
N VAL A 11 11.46 -28.87 19.96
CA VAL A 11 10.10 -29.33 19.63
C VAL A 11 9.10 -28.68 20.58
N LYS A 12 7.85 -28.61 20.10
CA LYS A 12 6.75 -28.04 20.87
C LYS A 12 5.54 -28.98 20.87
N LYS A 13 4.41 -28.49 21.38
CA LYS A 13 3.16 -29.23 21.42
C LYS A 13 2.05 -28.38 20.82
N PRO A 14 1.02 -29.01 20.24
CA PRO A 14 -0.08 -28.23 19.67
C PRO A 14 -0.79 -27.41 20.74
N GLY A 15 -1.20 -26.21 20.36
CA GLY A 15 -1.89 -25.31 21.26
C GLY A 15 -0.99 -24.46 22.13
N ALA A 16 0.32 -24.64 22.07
CA ALA A 16 1.24 -23.88 22.89
C ALA A 16 1.66 -22.59 22.17
N SER A 17 2.56 -21.84 22.80
CA SER A 17 3.06 -20.58 22.25
C SER A 17 4.57 -20.64 22.16
N LEU A 18 5.11 -20.09 21.08
CA LEU A 18 6.55 -20.09 20.84
C LEU A 18 7.03 -18.67 20.55
N LYS A 19 8.18 -18.33 21.12
CA LYS A 19 8.74 -16.99 21.09
C LYS A 19 10.17 -17.02 20.57
N VAL A 20 10.46 -16.14 19.60
CA VAL A 20 11.82 -15.99 19.08
C VAL A 20 12.15 -14.52 18.94
N SER A 21 13.44 -14.20 19.12
CA SER A 21 13.92 -12.83 19.16
C SER A 21 14.91 -12.58 18.03
N CYS A 22 14.86 -11.37 17.47
CA CYS A 22 15.78 -10.95 16.42
C CYS A 22 16.54 -9.73 16.93
N ARG A 23 17.87 -9.82 16.91
CA ARG A 23 18.74 -8.77 17.45
C ARG A 23 19.62 -8.23 16.34
N ALA A 24 19.73 -6.91 16.27
CA ALA A 24 20.52 -6.24 15.25
C ALA A 24 21.67 -5.47 15.91
N SER A 25 22.74 -5.28 15.14
CA SER A 25 23.90 -4.54 15.63
C SER A 25 24.68 -4.02 14.43
N GLY A 26 25.55 -3.05 14.71
CA GLY A 26 26.41 -2.48 13.69
C GLY A 26 25.80 -1.37 12.87
N TYR A 27 24.57 -0.97 13.15
CA TYR A 27 23.93 0.11 12.42
C TYR A 27 22.85 0.73 13.30
N THR A 28 22.34 1.87 12.87
CA THR A 28 21.32 2.59 13.63
C THR A 28 20.05 1.76 13.74
N PHE A 29 19.79 1.23 14.93
CA PHE A 29 18.68 0.29 15.09
C PHE A 29 17.34 0.98 14.86
N THR A 30 17.16 2.17 15.41
CA THR A 30 15.86 2.85 15.31
C THR A 30 15.76 3.61 13.98
N SER A 31 16.10 2.92 12.90
CA SER A 31 15.99 3.50 11.57
C SER A 31 15.44 2.56 10.51
N HIS A 32 15.36 1.25 10.76
CA HIS A 32 15.00 0.28 9.74
C HIS A 32 13.89 -0.63 10.24
N PHE A 33 12.94 -0.92 9.35
CA PHE A 33 11.85 -1.84 9.64
C PHE A 33 12.37 -3.26 9.85
N ILE A 34 11.46 -4.15 10.22
CA ILE A 34 11.75 -5.58 10.34
C ILE A 34 10.63 -6.35 9.66
N HIS A 35 11.01 -7.36 8.87
CA HIS A 35 10.09 -8.28 8.22
C HIS A 35 10.27 -9.67 8.80
N TRP A 36 9.16 -10.40 8.95
CA TRP A 36 9.19 -11.78 9.41
C TRP A 36 8.70 -12.70 8.29
N VAL A 37 9.40 -13.81 8.06
CA VAL A 37 8.99 -14.79 7.07
C VAL A 37 9.03 -16.19 7.67
N ARG A 38 8.23 -17.08 7.09
CA ARG A 38 8.14 -18.47 7.47
C ARG A 38 8.23 -19.35 6.24
N GLN A 39 9.01 -20.42 6.32
CA GLN A 39 9.22 -21.34 5.21
C GLN A 39 8.97 -22.76 5.70
N ALA A 40 7.91 -23.38 5.21
CA ALA A 40 7.66 -24.78 5.52
C ALA A 40 8.67 -25.66 4.79
N PRO A 41 9.18 -26.71 5.42
CA PRO A 41 10.14 -27.58 4.74
C PRO A 41 9.52 -28.21 3.49
N GLY A 42 10.29 -28.25 2.42
CA GLY A 42 9.75 -28.73 1.15
C GLY A 42 8.60 -27.90 0.64
N GLN A 43 8.71 -26.58 0.73
CA GLN A 43 7.64 -25.67 0.32
C GLN A 43 8.28 -24.32 0.01
N GLY A 44 7.44 -23.34 -0.31
CA GLY A 44 7.89 -22.01 -0.70
C GLY A 44 8.14 -21.11 0.49
N LEU A 45 7.87 -19.82 0.31
CA LEU A 45 8.12 -18.80 1.31
C LEU A 45 6.88 -17.94 1.50
N GLU A 46 6.70 -17.46 2.73
CA GLU A 46 5.57 -16.60 3.06
C GLU A 46 5.95 -15.77 4.28
N TRP A 47 5.67 -14.47 4.22
CA TRP A 47 6.14 -13.55 5.24
C TRP A 47 5.01 -13.31 6.23
N MET A 48 5.36 -12.79 7.40
CA MET A 48 4.37 -12.64 8.45
C MET A 48 4.02 -11.20 8.76
N GLY A 49 4.98 -10.37 9.11
CA GLY A 49 4.66 -9.03 9.56
C GLY A 49 5.79 -8.05 9.33
N ILE A 50 5.44 -6.76 9.47
CA ILE A 50 6.37 -5.64 9.35
C ILE A 50 6.30 -4.84 10.64
N ILE A 51 7.45 -4.37 11.12
CA ILE A 51 7.57 -3.79 12.45
C ILE A 51 8.46 -2.55 12.39
N ASN A 52 8.06 -1.50 13.10
CA ASN A 52 8.99 -0.42 13.41
C ASN A 52 9.94 -0.87 14.51
N PRO A 53 11.21 -0.47 14.45
CA PRO A 53 12.13 -0.84 15.54
C PRO A 53 11.71 -0.32 16.89
N SER A 54 10.88 0.72 16.93
CA SER A 54 10.32 1.22 18.19
C SER A 54 8.94 1.78 17.88
N GLY A 55 7.91 0.96 18.09
CA GLY A 55 6.55 1.37 17.82
C GLY A 55 5.60 0.19 17.66
N GLY A 56 4.67 0.31 16.72
CA GLY A 56 3.69 -0.73 16.46
C GLY A 56 4.16 -1.70 15.38
N ALA A 57 3.18 -2.32 14.72
CA ALA A 57 3.48 -3.27 13.67
C ALA A 57 2.22 -3.55 12.87
N SER A 58 2.40 -4.24 11.74
CA SER A 58 1.30 -4.70 10.92
C SER A 58 1.52 -6.16 10.56
N TYR A 59 0.43 -6.91 10.43
CA TYR A 59 0.49 -8.35 10.20
C TYR A 59 -0.34 -8.71 8.97
N ALA A 60 0.06 -9.80 8.32
CA ALA A 60 -0.71 -10.31 7.18
C ALA A 60 -2.02 -10.94 7.67
N GLN A 61 -2.99 -11.00 6.77
CA GLN A 61 -4.32 -11.49 7.14
C GLN A 61 -4.28 -12.96 7.56
N ASN A 62 -3.53 -13.79 6.84
CA ASN A 62 -3.53 -15.23 7.14
C ASN A 62 -3.00 -15.50 8.53
N PHE A 63 -1.94 -14.81 8.94
CA PHE A 63 -1.31 -15.02 10.23
C PHE A 63 -1.71 -13.93 11.23
N ARG A 64 -2.92 -13.41 11.10
CA ARG A 64 -3.42 -12.43 12.05
C ARG A 64 -4.16 -13.15 13.19
N ASP A 65 -4.49 -12.38 14.23
CA ASP A 65 -5.25 -12.81 15.39
C ASP A 65 -4.50 -13.77 16.30
N ARG A 66 -3.31 -14.24 15.91
CA ARG A 66 -2.59 -15.18 16.76
C ARG A 66 -1.09 -14.93 16.81
N VAL A 67 -0.62 -13.74 16.43
CA VAL A 67 0.78 -13.36 16.57
C VAL A 67 0.85 -12.04 17.32
N THR A 68 1.78 -11.95 18.28
CA THR A 68 1.98 -10.72 19.03
C THR A 68 3.47 -10.46 19.13
N MET A 69 3.89 -9.23 18.83
CA MET A 69 5.30 -8.94 18.72
C MET A 69 5.58 -7.47 19.01
N THR A 70 6.42 -7.23 20.01
CA THR A 70 6.66 -5.91 20.58
C THR A 70 8.06 -5.42 20.21
N THR A 71 8.44 -4.28 20.80
CA THR A 71 9.73 -3.64 20.56
C THR A 71 10.43 -3.38 21.88
N ASP A 72 11.76 -3.30 21.84
CA ASP A 72 12.56 -3.06 23.04
C ASP A 72 13.89 -2.45 22.64
N PRO A 73 13.93 -1.12 22.49
CA PRO A 73 15.19 -0.46 22.11
C PRO A 73 16.17 -0.31 23.25
N SER A 74 16.39 -1.38 24.01
CA SER A 74 17.39 -1.41 25.06
C SER A 74 18.60 -2.25 24.69
N THR A 75 18.37 -3.46 24.17
CA THR A 75 19.43 -4.29 23.61
C THR A 75 19.26 -4.48 22.11
N SER A 76 18.44 -3.64 21.47
CA SER A 76 18.15 -3.73 20.04
C SER A 76 17.60 -5.11 19.67
N THR A 77 16.61 -5.56 20.42
CA THR A 77 16.01 -6.88 20.25
C THR A 77 14.50 -6.74 20.05
N VAL A 78 13.98 -7.44 19.06
CA VAL A 78 12.55 -7.46 18.76
C VAL A 78 12.06 -8.89 18.90
N TYR A 79 11.01 -9.09 19.71
CA TYR A 79 10.52 -10.42 20.04
C TYR A 79 9.19 -10.66 19.33
N MET A 80 8.99 -11.90 18.87
CA MET A 80 7.70 -12.30 18.30
C MET A 80 7.23 -13.59 18.95
N GLU A 81 5.92 -13.68 19.17
CA GLU A 81 5.31 -14.82 19.83
C GLU A 81 4.10 -15.28 19.02
N LEU A 82 4.06 -16.58 18.74
CA LEU A 82 2.95 -17.21 18.03
C LEU A 82 2.22 -18.14 19.00
N GLY A 83 0.91 -17.95 19.13
CA GLY A 83 0.11 -18.77 20.00
C GLY A 83 -0.80 -19.72 19.25
N SER A 84 -1.22 -20.80 19.90
CA SER A 84 -2.06 -21.83 19.30
C SER A 84 -1.38 -22.44 18.08
N LEU A 85 -0.24 -23.09 18.33
CA LEU A 85 0.49 -23.77 17.28
C LEU A 85 -0.27 -24.99 16.80
N ARG A 86 0.09 -25.46 15.61
CA ARG A 86 -0.48 -26.67 15.03
C ARG A 86 0.62 -27.44 14.32
N SER A 87 0.36 -28.71 14.04
CA SER A 87 1.36 -29.56 13.40
C SER A 87 1.66 -29.14 11.97
N GLU A 88 0.82 -28.27 11.38
CA GLU A 88 1.10 -27.77 10.04
C GLU A 88 1.95 -26.51 10.05
N ASP A 89 2.27 -25.97 11.22
CA ASP A 89 3.07 -24.76 11.33
C ASP A 89 4.55 -25.06 11.56
N THR A 90 4.95 -26.33 11.50
CA THR A 90 6.36 -26.67 11.57
C THR A 90 7.07 -26.08 10.36
N ALA A 91 8.08 -25.26 10.61
CA ALA A 91 8.73 -24.52 9.53
C ALA A 91 10.06 -23.96 10.04
N VAL A 92 10.64 -23.06 9.26
CA VAL A 92 11.79 -22.28 9.67
C VAL A 92 11.40 -20.80 9.58
N TYR A 93 11.75 -20.05 10.62
CA TYR A 93 11.35 -18.66 10.75
C TYR A 93 12.57 -17.77 10.61
N TYR A 94 12.46 -16.73 9.77
CA TYR A 94 13.53 -15.79 9.50
C TYR A 94 13.07 -14.37 9.79
N CYS A 95 13.99 -13.55 10.27
CA CYS A 95 13.79 -12.11 10.41
C CYS A 95 14.75 -11.40 9.48
N ALA A 96 14.25 -10.38 8.80
CA ALA A 96 15.02 -9.65 7.80
C ALA A 96 14.89 -8.16 8.03
N ARG A 97 15.94 -7.42 7.69
CA ARG A 97 15.88 -5.97 7.70
C ARG A 97 15.16 -5.49 6.43
N ALA A 98 15.06 -4.17 6.28
CA ALA A 98 14.41 -3.61 5.11
C ALA A 98 14.92 -2.18 4.93
N GLU A 99 14.50 -1.55 3.83
CA GLU A 99 14.79 -0.14 3.61
C GLU A 99 14.03 0.71 4.62
N GLY A 100 14.60 1.88 4.93
CA GLY A 100 14.00 2.73 5.95
C GLY A 100 12.58 3.15 5.63
N SER A 101 12.30 3.36 4.33
CA SER A 101 10.94 3.72 3.94
C SER A 101 10.01 2.51 3.92
N SER A 102 10.53 1.36 3.48
CA SER A 102 9.74 0.15 3.22
C SER A 102 8.72 0.42 2.11
N TRP A 103 7.74 -0.47 1.98
CA TRP A 103 6.67 -0.42 0.97
C TRP A 103 7.20 -0.75 -0.42
N LEU A 104 8.51 -0.79 -0.55
CA LEU A 104 9.20 -1.36 -1.70
C LEU A 104 10.56 -1.82 -1.16
N GLY A 105 10.62 -3.06 -0.74
CA GLY A 105 11.74 -3.55 0.04
C GLY A 105 12.83 -4.17 -0.80
N TRP A 106 13.97 -4.32 -0.17
CA TRP A 106 15.07 -5.12 -0.73
C TRP A 106 15.70 -5.83 0.46
N PHE A 107 15.24 -7.04 0.72
CA PHE A 107 15.56 -7.74 1.96
C PHE A 107 17.00 -8.21 1.94
N ASP A 108 17.96 -7.31 2.18
CA ASP A 108 19.34 -7.71 1.99
C ASP A 108 19.83 -8.56 3.16
N PRO A 109 19.69 -8.13 4.42
CA PRO A 109 20.05 -9.02 5.53
C PRO A 109 18.90 -9.94 5.91
N TRP A 110 19.26 -11.16 6.31
CA TRP A 110 18.29 -12.15 6.73
C TRP A 110 18.81 -12.86 7.98
N GLY A 111 17.88 -13.41 8.75
CA GLY A 111 18.25 -14.09 9.97
C GLY A 111 18.81 -15.47 9.73
N GLN A 112 19.45 -16.00 10.79
CA GLN A 112 20.00 -17.35 10.72
C GLN A 112 18.91 -18.39 10.49
N GLY A 113 17.79 -18.26 11.21
CA GLY A 113 16.68 -19.18 11.03
C GLY A 113 16.40 -20.05 12.24
N THR A 114 15.16 -20.04 12.70
CA THR A 114 14.74 -20.88 13.83
C THR A 114 13.87 -22.02 13.32
N LEU A 115 14.22 -23.24 13.71
CA LEU A 115 13.44 -24.41 13.36
C LEU A 115 12.34 -24.61 14.40
N VAL A 116 11.10 -24.73 13.92
CA VAL A 116 9.94 -24.92 14.80
C VAL A 116 9.24 -26.20 14.37
N THR A 117 9.17 -27.15 15.29
CA THR A 117 8.51 -28.44 15.05
C THR A 117 7.38 -28.61 16.06
N VAL A 118 6.23 -29.05 15.57
CA VAL A 118 5.03 -29.23 16.38
C VAL A 118 4.56 -30.66 16.19
N SER A 119 4.83 -31.51 17.17
CA SER A 119 4.43 -32.91 17.10
C SER A 119 4.14 -33.42 18.50
N SER A 120 3.34 -34.47 18.58
CA SER A 120 2.96 -35.06 19.86
C SER A 120 3.69 -36.38 20.09
N PRO B 1 -5.26 39.44 -25.25
CA PRO B 1 -6.46 38.66 -25.55
C PRO B 1 -6.32 37.19 -25.16
N ASN B 2 -5.10 36.72 -25.05
CA ASN B 2 -4.80 35.34 -24.71
C ASN B 2 -4.46 35.24 -23.23
N ILE B 3 -5.13 34.33 -22.53
CA ILE B 3 -4.99 34.22 -21.08
C ILE B 3 -3.61 33.68 -20.72
N THR B 4 -3.02 32.86 -21.59
CA THR B 4 -1.75 32.16 -21.40
C THR B 4 -1.57 31.65 -19.97
N ASN B 5 -0.37 31.79 -19.40
CA ASN B 5 -0.05 31.34 -18.05
C ASN B 5 -0.17 29.82 -17.94
N LEU B 6 -0.24 29.31 -16.72
CA LEU B 6 -0.38 27.87 -16.48
C LEU B 6 -1.25 27.64 -15.25
N CYS B 7 -2.20 26.72 -15.37
CA CYS B 7 -3.07 26.41 -14.24
C CYS B 7 -2.32 25.59 -13.21
N PRO B 8 -2.48 25.87 -11.93
CA PRO B 8 -1.73 25.17 -10.87
C PRO B 8 -2.32 23.82 -10.49
N PHE B 9 -2.50 22.95 -11.49
CA PHE B 9 -3.04 21.62 -11.22
C PHE B 9 -2.03 20.76 -10.46
N ASP B 10 -0.74 20.95 -10.71
CA ASP B 10 0.28 20.16 -10.03
C ASP B 10 0.30 20.44 -8.53
N GLU B 11 -0.04 21.66 -8.11
CA GLU B 11 -0.11 21.96 -6.69
C GLU B 11 -1.31 21.29 -6.03
N VAL B 12 -2.45 21.29 -6.72
CA VAL B 12 -3.65 20.66 -6.17
C VAL B 12 -3.46 19.15 -6.06
N PHE B 13 -3.01 18.53 -7.14
CA PHE B 13 -3.00 17.07 -7.19
C PHE B 13 -1.86 16.47 -6.38
N ASN B 14 -0.69 17.11 -6.37
CA ASN B 14 0.50 16.55 -5.74
C ASN B 14 0.90 17.29 -4.48
N ALA B 15 -0.06 17.83 -3.74
CA ALA B 15 0.26 18.48 -2.48
C ALA B 15 0.74 17.45 -1.46
N THR B 16 1.58 17.91 -0.53
CA THR B 16 2.15 17.01 0.46
C THR B 16 1.08 16.43 1.37
N ARG B 17 0.12 17.25 1.79
CA ARG B 17 -0.92 16.84 2.72
C ARG B 17 -2.28 17.30 2.23
N PHE B 18 -3.26 16.41 2.29
CA PHE B 18 -4.65 16.73 1.98
C PHE B 18 -5.47 16.86 3.26
N ALA B 19 -6.58 17.57 3.14
CA ALA B 19 -7.44 17.82 4.29
C ALA B 19 -8.26 16.58 4.63
N SER B 20 -8.85 16.61 5.83
CA SER B 20 -9.75 15.57 6.26
C SER B 20 -11.12 15.75 5.59
N VAL B 21 -11.99 14.77 5.79
CA VAL B 21 -13.29 14.78 5.10
C VAL B 21 -14.14 15.95 5.56
N TYR B 22 -14.23 16.16 6.88
CA TYR B 22 -15.14 17.15 7.44
C TYR B 22 -14.63 18.58 7.29
N ALA B 23 -13.37 18.77 6.92
CA ALA B 23 -12.78 20.10 6.73
C ALA B 23 -12.08 20.17 5.38
N TRP B 24 -12.77 19.70 4.34
CA TRP B 24 -12.21 19.73 3.00
C TRP B 24 -11.95 21.16 2.55
N ASN B 25 -10.77 21.41 2.01
CA ASN B 25 -10.41 22.75 1.56
C ASN B 25 -10.81 22.96 0.11
N ARG B 26 -11.33 24.14 -0.19
CA ARG B 26 -11.78 24.49 -1.52
C ARG B 26 -10.77 25.44 -2.15
N LYS B 27 -10.39 25.18 -3.40
CA LYS B 27 -9.47 26.04 -4.11
C LYS B 27 -10.10 26.52 -5.42
N ARG B 28 -9.76 27.74 -5.81
CA ARG B 28 -10.30 28.37 -7.01
C ARG B 28 -9.21 28.46 -8.07
N ILE B 29 -9.58 28.16 -9.32
CA ILE B 29 -8.66 28.22 -10.45
C ILE B 29 -9.19 29.26 -11.43
N SER B 30 -8.33 30.19 -11.83
CA SER B 30 -8.75 31.25 -12.74
C SER B 30 -7.54 31.79 -13.49
N ASN B 31 -7.82 32.40 -14.64
CA ASN B 31 -6.84 33.14 -15.44
C ASN B 31 -5.64 32.26 -15.82
N CYS B 32 -5.91 31.08 -16.37
CA CYS B 32 -4.85 30.19 -16.80
C CYS B 32 -5.41 29.21 -17.83
N VAL B 33 -4.50 28.56 -18.53
CA VAL B 33 -4.88 27.52 -19.48
C VAL B 33 -4.82 26.16 -18.80
N ALA B 34 -5.86 25.36 -18.97
CA ALA B 34 -5.96 24.06 -18.34
C ALA B 34 -5.59 22.99 -19.35
N ASP B 35 -4.63 22.14 -19.00
CA ASP B 35 -4.17 21.05 -19.84
C ASP B 35 -4.61 19.74 -19.18
N TYR B 36 -5.72 19.19 -19.64
CA TYR B 36 -6.25 17.96 -19.07
C TYR B 36 -5.60 16.74 -19.71
N SER B 37 -4.27 16.72 -19.73
CA SER B 37 -3.50 15.57 -20.17
C SER B 37 -2.63 15.00 -19.07
N VAL B 38 -2.10 15.84 -18.18
CA VAL B 38 -1.43 15.34 -16.99
C VAL B 38 -2.39 14.59 -16.08
N LEU B 39 -3.69 14.91 -16.16
CA LEU B 39 -4.69 14.22 -15.35
C LEU B 39 -4.72 12.73 -15.66
N TYR B 40 -4.68 12.38 -16.94
CA TYR B 40 -4.76 10.97 -17.33
C TYR B 40 -3.56 10.18 -16.82
N ASN B 41 -2.40 10.84 -16.68
CA ASN B 41 -1.23 10.15 -16.15
C ASN B 41 -1.45 9.70 -14.72
N LEU B 42 -2.06 10.55 -13.89
CA LEU B 42 -2.34 10.18 -12.51
C LEU B 42 -3.63 9.36 -12.46
N ALA B 43 -3.56 8.21 -11.78
CA ALA B 43 -4.62 7.21 -11.81
C ALA B 43 -4.97 6.83 -13.25
N PRO B 44 -4.01 6.32 -14.03
CA PRO B 44 -4.30 6.04 -15.44
C PRO B 44 -5.24 4.87 -15.64
N PHE B 45 -5.04 3.78 -14.90
CA PHE B 45 -5.94 2.64 -15.00
C PHE B 45 -7.20 2.86 -14.16
N PHE B 46 -7.18 3.86 -13.28
CA PHE B 46 -8.39 4.23 -12.56
C PHE B 46 -9.22 5.20 -13.38
N THR B 47 -10.54 5.12 -13.22
CA THR B 47 -11.43 5.82 -14.14
C THR B 47 -11.87 7.17 -13.59
N PHE B 48 -11.78 8.19 -14.43
CA PHE B 48 -12.46 9.45 -14.16
C PHE B 48 -13.96 9.25 -14.30
N LYS B 49 -14.71 9.75 -13.32
CA LYS B 49 -16.17 9.72 -13.38
C LYS B 49 -16.63 11.15 -13.56
N CYS B 50 -16.98 11.49 -14.79
CA CYS B 50 -17.44 12.83 -15.12
C CYS B 50 -18.95 12.80 -15.32
N TYR B 51 -19.61 13.89 -14.94
CA TYR B 51 -21.07 13.91 -14.78
C TYR B 51 -21.70 15.01 -15.62
N GLY B 52 -21.38 15.04 -16.91
CA GLY B 52 -22.01 16.02 -17.78
C GLY B 52 -21.10 16.54 -18.86
N VAL B 53 -19.82 16.18 -18.79
CA VAL B 53 -18.84 16.49 -19.81
C VAL B 53 -18.10 15.22 -20.19
N SER B 54 -17.95 14.98 -21.48
CA SER B 54 -17.23 13.81 -21.94
C SER B 54 -15.74 13.99 -21.65
N PRO B 55 -15.12 13.07 -20.92
CA PRO B 55 -13.70 13.25 -20.55
C PRO B 55 -12.77 13.35 -21.74
N THR B 56 -13.14 12.81 -22.89
CA THR B 56 -12.28 12.88 -24.07
C THR B 56 -12.25 14.28 -24.68
N LYS B 57 -13.40 14.93 -24.81
CA LYS B 57 -13.49 16.24 -25.47
C LYS B 57 -13.54 17.39 -24.46
N LEU B 58 -12.98 17.19 -23.27
CA LEU B 58 -12.96 18.23 -22.25
C LEU B 58 -11.97 19.34 -22.57
N ASN B 59 -11.01 19.10 -23.48
CA ASN B 59 -9.98 20.09 -23.75
C ASN B 59 -10.57 21.34 -24.39
N ASP B 60 -11.50 21.18 -25.32
CA ASP B 60 -12.02 22.31 -26.09
C ASP B 60 -13.33 22.81 -25.48
N LEU B 61 -13.19 23.44 -24.31
CA LEU B 61 -14.33 24.01 -23.60
C LEU B 61 -13.82 24.99 -22.56
N CYS B 62 -14.41 26.18 -22.53
CA CYS B 62 -14.00 27.23 -21.60
C CYS B 62 -15.00 27.33 -20.46
N PHE B 63 -14.48 27.40 -19.24
CA PHE B 63 -15.26 27.32 -18.02
C PHE B 63 -15.33 28.67 -17.33
N THR B 64 -16.51 29.04 -16.85
CA THR B 64 -16.67 30.32 -16.16
C THR B 64 -15.89 30.36 -14.86
N ASN B 65 -15.91 29.27 -14.10
CA ASN B 65 -15.18 29.20 -12.84
C ASN B 65 -14.94 27.74 -12.49
N VAL B 66 -13.75 27.44 -12.00
CA VAL B 66 -13.35 26.09 -11.66
C VAL B 66 -12.99 26.03 -10.18
N TYR B 67 -13.62 25.11 -9.46
CA TYR B 67 -13.36 24.90 -8.04
C TYR B 67 -12.93 23.46 -7.81
N ALA B 68 -11.89 23.28 -7.01
CA ALA B 68 -11.33 21.96 -6.71
C ALA B 68 -11.48 21.68 -5.23
N ASP B 69 -12.00 20.49 -4.90
CA ASP B 69 -12.20 20.07 -3.53
C ASP B 69 -11.41 18.79 -3.29
N SER B 70 -10.61 18.76 -2.23
CA SER B 70 -9.71 17.64 -1.98
C SER B 70 -9.95 17.07 -0.59
N PHE B 71 -9.90 15.74 -0.48
CA PHE B 71 -9.95 15.11 0.83
C PHE B 71 -9.44 13.68 0.73
N VAL B 72 -9.47 12.98 1.86
CA VAL B 72 -8.98 11.61 1.97
C VAL B 72 -10.05 10.77 2.67
N ILE B 73 -10.53 9.73 1.99
CA ILE B 73 -11.59 8.89 2.54
C ILE B 73 -11.21 7.43 2.35
N ARG B 74 -11.94 6.56 3.05
CA ARG B 74 -11.71 5.13 2.95
C ARG B 74 -12.04 4.62 1.54
N GLY B 75 -11.55 3.43 1.24
CA GLY B 75 -11.71 2.85 -0.09
C GLY B 75 -13.14 2.64 -0.53
N ASP B 76 -13.84 1.69 0.10
CA ASP B 76 -15.17 1.33 -0.34
C ASP B 76 -16.16 2.48 -0.23
N GLU B 77 -15.81 3.52 0.52
CA GLU B 77 -16.68 4.66 0.70
C GLU B 77 -16.64 5.62 -0.49
N VAL B 78 -15.71 5.42 -1.43
CA VAL B 78 -15.56 6.36 -2.54
C VAL B 78 -16.81 6.40 -3.40
N ARG B 79 -17.54 5.29 -3.48
CA ARG B 79 -18.76 5.27 -4.28
C ARG B 79 -19.80 6.23 -3.74
N GLN B 80 -19.65 6.71 -2.51
CA GLN B 80 -20.57 7.67 -1.93
C GLN B 80 -20.35 9.09 -2.45
N ILE B 81 -19.25 9.35 -3.16
CA ILE B 81 -19.03 10.70 -3.67
C ILE B 81 -19.91 11.02 -4.87
N ALA B 82 -20.52 10.01 -5.47
CA ALA B 82 -21.39 10.25 -6.62
C ALA B 82 -22.64 11.02 -6.19
N PRO B 83 -23.23 11.81 -7.08
CA PRO B 83 -24.44 12.55 -6.73
C PRO B 83 -25.62 11.62 -6.49
N GLY B 84 -26.46 11.99 -5.53
CA GLY B 84 -27.65 11.24 -5.21
C GLY B 84 -27.45 10.05 -4.28
N GLN B 85 -26.23 9.83 -3.79
CA GLN B 85 -25.99 8.71 -2.89
C GLN B 85 -26.37 9.09 -1.46
N THR B 86 -26.50 8.08 -0.61
CA THR B 86 -26.86 8.27 0.78
C THR B 86 -26.00 7.38 1.66
N GLY B 87 -25.54 7.92 2.78
CA GLY B 87 -24.70 7.17 3.69
C GLY B 87 -24.19 8.06 4.80
N LYS B 88 -23.24 7.52 5.56
CA LYS B 88 -22.64 8.29 6.64
C LYS B 88 -21.80 9.45 6.10
N ILE B 89 -20.89 9.16 5.17
CA ILE B 89 -19.96 10.19 4.70
C ILE B 89 -20.57 11.10 3.65
N ALA B 90 -21.68 10.69 3.04
CA ALA B 90 -22.34 11.53 2.05
C ALA B 90 -23.48 12.35 2.64
N ASP B 91 -23.69 12.28 3.95
CA ASP B 91 -24.77 13.04 4.55
C ASP B 91 -24.28 13.76 5.80
N TYR B 92 -23.23 13.26 6.44
CA TYR B 92 -22.69 13.88 7.64
C TYR B 92 -21.40 14.65 7.41
N ASN B 93 -20.73 14.46 6.28
CA ASN B 93 -19.46 15.16 6.09
C ASN B 93 -19.41 15.97 4.82
N TYR B 94 -19.93 15.45 3.71
CA TYR B 94 -19.72 16.09 2.40
C TYR B 94 -20.76 15.55 1.43
N LYS B 95 -21.64 16.41 0.94
CA LYS B 95 -22.72 16.00 0.05
C LYS B 95 -22.68 16.81 -1.24
N LEU B 96 -22.88 16.14 -2.36
CA LEU B 96 -22.98 16.75 -3.68
C LEU B 96 -24.44 16.89 -4.11
N PRO B 97 -24.79 17.97 -4.79
CA PRO B 97 -26.17 18.14 -5.24
C PRO B 97 -26.49 17.19 -6.38
N ASP B 98 -27.78 16.97 -6.60
CA ASP B 98 -28.18 16.13 -7.73
C ASP B 98 -28.38 16.99 -8.97
N ASP B 99 -27.44 17.89 -9.23
CA ASP B 99 -27.35 18.65 -10.46
C ASP B 99 -25.89 18.82 -10.87
N PHE B 100 -25.00 17.97 -10.37
CA PHE B 100 -23.57 18.24 -10.40
C PHE B 100 -23.03 18.13 -11.81
N THR B 101 -22.38 19.21 -12.27
CA THR B 101 -21.75 19.27 -13.58
C THR B 101 -20.26 19.42 -13.33
N GLY B 102 -19.58 18.28 -13.22
CA GLY B 102 -18.17 18.30 -12.90
C GLY B 102 -17.59 16.93 -13.13
N CYS B 103 -16.53 16.63 -12.39
CA CYS B 103 -15.90 15.32 -12.57
C CYS B 103 -15.04 14.99 -11.36
N VAL B 104 -15.10 13.75 -10.90
CA VAL B 104 -14.45 13.31 -9.67
C VAL B 104 -13.29 12.39 -10.03
N ILE B 105 -12.17 12.55 -9.33
CA ILE B 105 -10.96 11.78 -9.55
C ILE B 105 -10.59 11.11 -8.23
N ALA B 106 -10.39 9.80 -8.27
CA ALA B 106 -10.03 9.03 -7.09
C ALA B 106 -8.92 8.06 -7.45
N TRP B 107 -7.96 7.89 -6.54
CA TRP B 107 -6.90 6.91 -6.75
C TRP B 107 -6.40 6.40 -5.42
N ASN B 108 -6.19 5.08 -5.34
CA ASN B 108 -5.58 4.47 -4.17
C ASN B 108 -4.23 5.11 -3.91
N SER B 109 -3.96 5.45 -2.66
CA SER B 109 -2.74 6.16 -2.31
C SER B 109 -2.06 5.55 -1.09
N ASN B 110 -2.12 4.23 -0.96
CA ASN B 110 -1.53 3.57 0.20
C ASN B 110 -0.02 3.40 0.04
N ASN B 111 0.69 4.48 -0.26
CA ASN B 111 2.14 4.44 -0.39
C ASN B 111 2.76 5.51 0.50
N LEU B 112 2.01 6.58 0.75
CA LEU B 112 2.49 7.67 1.60
C LEU B 112 1.50 8.11 2.67
N ASP B 113 0.20 7.90 2.48
CA ASP B 113 -0.77 8.29 3.48
C ASP B 113 -0.70 7.37 4.70
N SER B 114 -0.95 6.08 4.50
CA SER B 114 -0.99 5.15 5.60
C SER B 114 0.41 4.83 6.11
N LYS B 115 0.48 4.36 7.36
CA LYS B 115 1.72 3.97 8.00
C LYS B 115 1.52 2.66 8.74
N VAL B 116 2.63 1.98 9.03
CA VAL B 116 2.54 0.70 9.75
C VAL B 116 2.04 0.93 11.17
N GLY B 117 2.41 2.05 11.79
CA GLY B 117 1.98 2.30 13.15
C GLY B 117 0.52 2.67 13.25
N GLY B 118 -0.07 3.14 12.15
CA GLY B 118 -1.46 3.55 12.15
C GLY B 118 -1.59 5.05 12.05
N ASN B 119 -2.37 5.53 11.09
CA ASN B 119 -2.52 6.96 10.84
C ASN B 119 -3.82 7.44 11.44
N TYR B 120 -3.73 8.18 12.53
CA TYR B 120 -4.91 8.73 13.21
C TYR B 120 -5.10 10.21 12.95
N ASN B 121 -4.39 10.79 11.97
CA ASN B 121 -4.51 12.21 11.71
C ASN B 121 -5.73 12.57 10.86
N TYR B 122 -6.49 11.59 10.37
CA TYR B 122 -7.66 11.84 9.55
C TYR B 122 -8.91 11.53 10.36
N LEU B 123 -9.86 12.45 10.36
CA LEU B 123 -11.06 12.36 11.17
C LEU B 123 -12.31 12.51 10.30
N TYR B 124 -13.44 12.13 10.87
CA TYR B 124 -14.72 12.21 10.16
C TYR B 124 -15.85 12.30 11.19
N ARG B 125 -16.89 13.05 10.84
CA ARG B 125 -18.00 13.20 11.76
C ARG B 125 -18.95 12.01 11.66
N LEU B 126 -19.62 11.70 12.77
CA LEU B 126 -20.46 10.51 12.83
C LEU B 126 -21.87 10.83 13.30
N PHE B 127 -22.02 11.89 14.10
CA PHE B 127 -23.31 12.24 14.70
C PHE B 127 -23.68 13.66 14.29
N ARG B 128 -24.91 13.82 13.80
CA ARG B 128 -25.43 15.15 13.50
C ARG B 128 -26.92 15.17 13.78
N LYS B 129 -27.42 16.35 14.16
CA LYS B 129 -28.83 16.50 14.47
C LYS B 129 -29.69 16.27 13.23
N SER B 130 -29.26 16.78 12.08
CA SER B 130 -30.03 16.64 10.85
C SER B 130 -29.07 16.63 9.67
N ASN B 131 -29.63 16.52 8.47
CA ASN B 131 -28.83 16.48 7.26
C ASN B 131 -28.13 17.82 7.01
N LEU B 132 -27.26 17.83 6.01
CA LEU B 132 -26.57 19.05 5.60
C LEU B 132 -26.85 19.33 4.13
N LYS B 133 -27.03 20.60 3.80
CA LYS B 133 -27.28 21.01 2.43
C LYS B 133 -26.04 20.78 1.58
N PRO B 134 -26.20 20.65 0.26
CA PRO B 134 -25.05 20.35 -0.60
C PRO B 134 -23.97 21.41 -0.50
N PHE B 135 -22.72 20.96 -0.52
CA PHE B 135 -21.54 21.83 -0.49
C PHE B 135 -21.53 22.68 0.78
N GLU B 136 -21.49 22.00 1.92
CA GLU B 136 -21.43 22.66 3.22
C GLU B 136 -20.30 22.06 4.05
N ARG B 137 -19.71 22.89 4.90
CA ARG B 137 -18.60 22.50 5.74
C ARG B 137 -18.87 22.94 7.17
N ASP B 138 -18.75 22.00 8.10
CA ASP B 138 -18.94 22.28 9.52
C ASP B 138 -17.71 21.81 10.28
N ILE B 139 -17.10 22.71 11.04
CA ILE B 139 -15.93 22.39 11.84
C ILE B 139 -16.25 22.36 13.33
N SER B 140 -17.38 22.91 13.76
CA SER B 140 -17.73 22.96 15.16
C SER B 140 -17.74 21.57 15.78
N THR B 141 -17.13 21.45 16.96
CA THR B 141 -17.00 20.18 17.66
C THR B 141 -17.77 20.16 18.97
N GLU B 142 -18.91 20.84 19.02
CA GLU B 142 -19.76 20.79 20.20
C GLU B 142 -20.32 19.37 20.38
N ILE B 143 -20.45 18.95 21.64
CA ILE B 143 -20.85 17.58 21.93
C ILE B 143 -22.32 17.39 21.62
N TYR B 144 -22.64 16.30 20.92
CA TYR B 144 -24.00 16.00 20.48
C TYR B 144 -24.63 15.01 21.45
N GLN B 145 -25.85 15.30 21.89
CA GLN B 145 -26.57 14.47 22.85
C GLN B 145 -27.82 13.89 22.19
N ALA B 146 -28.11 12.63 22.52
CA ALA B 146 -29.28 11.95 21.99
C ALA B 146 -30.30 11.58 23.06
N GLY B 147 -29.91 11.56 24.34
CA GLY B 147 -30.81 11.27 25.42
C GLY B 147 -31.54 12.49 25.93
N ASN B 148 -31.94 12.43 27.20
CA ASN B 148 -32.65 13.54 27.82
C ASN B 148 -31.74 14.42 28.65
N LYS B 149 -30.73 13.84 29.29
CA LYS B 149 -29.84 14.63 30.13
C LYS B 149 -28.96 15.53 29.27
N PRO B 150 -28.78 16.79 29.65
CA PRO B 150 -27.88 17.67 28.90
C PRO B 150 -26.41 17.32 29.13
N CYS B 151 -25.60 17.60 28.11
CA CYS B 151 -24.17 17.35 28.15
C CYS B 151 -23.44 18.66 28.45
N ASN B 152 -22.85 18.75 29.63
CA ASN B 152 -22.02 19.89 30.00
C ASN B 152 -20.54 19.53 29.80
N GLY B 153 -20.20 19.29 28.54
CA GLY B 153 -18.83 18.93 28.19
C GLY B 153 -18.40 17.60 28.78
N VAL B 154 -19.25 16.58 28.66
CA VAL B 154 -18.97 15.27 29.24
C VAL B 154 -18.95 14.20 28.15
N ALA B 155 -18.60 12.98 28.54
CA ALA B 155 -18.56 11.85 27.61
C ALA B 155 -19.23 10.66 28.28
N GLY B 156 -19.12 9.49 27.65
CA GLY B 156 -19.68 8.28 28.21
C GLY B 156 -20.95 7.82 27.52
N PHE B 157 -21.85 7.19 28.27
CA PHE B 157 -23.10 6.72 27.71
C PHE B 157 -24.05 7.88 27.46
N ASN B 158 -24.82 7.79 26.36
CA ASN B 158 -25.83 8.77 25.98
C ASN B 158 -25.25 10.15 25.72
N CYS B 159 -23.94 10.24 25.50
CA CYS B 159 -23.29 11.51 25.22
C CYS B 159 -21.98 11.22 24.51
N TYR B 160 -21.87 11.59 23.24
CA TYR B 160 -20.78 11.15 22.39
C TYR B 160 -20.07 12.32 21.74
N PHE B 161 -18.77 12.13 21.47
CA PHE B 161 -17.97 13.07 20.70
C PHE B 161 -18.25 12.89 19.21
N PRO B 162 -18.58 13.95 18.48
CA PRO B 162 -19.04 13.78 17.09
C PRO B 162 -17.94 13.35 16.12
N LEU B 163 -16.67 13.43 16.49
CA LEU B 163 -15.57 13.16 15.57
C LEU B 163 -14.94 11.82 15.91
N ARG B 164 -14.93 10.91 14.93
CA ARG B 164 -14.23 9.64 15.03
C ARG B 164 -13.04 9.66 14.08
N SER B 165 -12.14 8.70 14.27
CA SER B 165 -10.85 8.69 13.57
C SER B 165 -10.70 7.45 12.72
N TYR B 166 -10.39 7.65 11.45
CA TYR B 166 -9.95 6.56 10.58
C TYR B 166 -8.67 5.93 11.13
N SER B 167 -8.53 4.64 10.93
CA SER B 167 -7.36 3.88 11.36
C SER B 167 -6.77 3.16 10.16
N PHE B 168 -5.90 3.85 9.42
CA PHE B 168 -5.33 3.30 8.21
C PHE B 168 -4.05 2.51 8.50
N ARG B 169 -3.89 1.40 7.81
CA ARG B 169 -2.74 0.52 7.99
C ARG B 169 -2.33 -0.05 6.63
N PRO B 170 -1.07 -0.51 6.50
CA PRO B 170 -0.62 -1.07 5.23
C PRO B 170 -1.39 -2.32 4.81
N THR B 171 -1.38 -3.33 5.67
CA THR B 171 -1.89 -4.66 5.33
C THR B 171 -3.40 -4.74 5.59
N TYR B 172 -4.13 -3.88 4.91
CA TYR B 172 -5.59 -3.89 4.93
C TYR B 172 -6.10 -4.10 3.52
N GLY B 173 -7.26 -4.74 3.42
CA GLY B 173 -7.87 -4.96 2.13
C GLY B 173 -8.35 -3.68 1.48
N VAL B 174 -8.51 -3.72 0.16
CA VAL B 174 -9.01 -2.57 -0.56
C VAL B 174 -10.39 -2.22 -0.03
N GLY B 175 -10.53 -0.99 0.46
CA GLY B 175 -11.70 -0.58 1.20
C GLY B 175 -11.26 0.09 2.49
N HIS B 176 -10.21 -0.45 3.11
CA HIS B 176 -9.54 0.20 4.22
C HIS B 176 -8.25 0.88 3.78
N GLN B 177 -7.99 0.97 2.47
CA GLN B 177 -6.87 1.72 1.93
C GLN B 177 -7.25 3.19 1.82
N PRO B 178 -6.36 4.10 2.24
CA PRO B 178 -6.67 5.53 2.12
C PRO B 178 -6.71 6.01 0.68
N TYR B 179 -7.88 6.43 0.22
CA TYR B 179 -8.07 6.94 -1.14
C TYR B 179 -8.12 8.46 -1.10
N ARG B 180 -7.24 9.09 -1.88
CA ARG B 180 -7.22 10.54 -2.02
C ARG B 180 -8.17 10.93 -3.15
N VAL B 181 -9.13 11.80 -2.87
CA VAL B 181 -10.16 12.17 -3.83
C VAL B 181 -10.08 13.67 -4.09
N VAL B 182 -10.17 14.05 -5.36
CA VAL B 182 -10.25 15.44 -5.76
C VAL B 182 -11.39 15.57 -6.77
N VAL B 183 -12.31 16.49 -6.51
CA VAL B 183 -13.47 16.69 -7.35
C VAL B 183 -13.43 18.10 -7.92
N LEU B 184 -13.69 18.22 -9.22
CA LEU B 184 -13.66 19.49 -9.93
C LEU B 184 -15.09 19.88 -10.32
N SER B 185 -15.46 21.12 -10.03
CA SER B 185 -16.78 21.65 -10.34
C SER B 185 -16.65 22.91 -11.18
N PHE B 186 -17.46 23.00 -12.24
CA PHE B 186 -17.46 24.14 -13.13
C PHE B 186 -18.74 24.13 -13.95
N GLU B 187 -19.35 25.29 -14.13
CA GLU B 187 -20.57 25.43 -14.91
C GLU B 187 -20.27 26.09 -16.25
N LEU B 188 -21.18 25.88 -17.20
CA LEU B 188 -20.91 26.17 -18.60
C LEU B 188 -21.91 27.18 -19.17
N LEU B 189 -21.39 28.03 -20.08
CA LEU B 189 -22.22 28.89 -20.94
C LEU B 189 -23.14 29.80 -20.12
N HIS B 190 -22.59 30.44 -19.10
CA HIS B 190 -23.37 31.41 -18.33
C HIS B 190 -22.56 32.64 -17.91
N ALA B 191 -21.31 32.76 -18.33
CA ALA B 191 -20.46 33.87 -17.91
C ALA B 191 -19.28 33.96 -18.86
N PRO B 192 -18.58 35.09 -18.88
CA PRO B 192 -17.37 35.19 -19.72
C PRO B 192 -16.34 34.15 -19.31
N ALA B 193 -15.61 33.65 -20.30
CA ALA B 193 -14.63 32.59 -20.06
C ALA B 193 -13.47 33.11 -19.22
N THR B 194 -12.93 32.24 -18.39
CA THR B 194 -11.76 32.57 -17.60
C THR B 194 -10.65 31.54 -17.71
N VAL B 195 -10.99 30.25 -17.79
CA VAL B 195 -10.01 29.17 -17.83
C VAL B 195 -10.39 28.19 -18.93
N CYS B 196 -9.42 27.87 -19.80
CA CYS B 196 -9.58 26.81 -20.80
C CYS B 196 -8.26 26.63 -21.54
N GLY B 197 -8.17 25.53 -22.27
CA GLY B 197 -6.94 25.10 -22.91
C GLY B 197 -6.61 25.84 -24.19
N PRO B 198 -5.93 25.16 -25.10
CA PRO B 198 -5.38 25.84 -26.28
C PRO B 198 -6.47 26.48 -27.14
N LYS B 199 -6.14 27.65 -27.68
CA LYS B 199 -7.05 28.43 -28.50
C LYS B 199 -6.23 29.43 -29.30
N LYS B 200 -6.56 29.57 -30.58
CA LYS B 200 -5.86 30.48 -31.49
C LYS B 200 -6.86 31.44 -32.13
N SER B 201 -6.38 32.26 -33.05
CA SER B 201 -7.24 33.19 -33.78
C SER B 201 -7.38 32.80 -35.25
N SER C 1 -0.53 -17.81 -3.00
CA SER C 1 0.50 -17.80 -4.03
C SER C 1 -0.09 -17.46 -5.40
N VAL C 2 -0.45 -16.19 -5.58
CA VAL C 2 -0.99 -15.75 -6.86
C VAL C 2 0.09 -15.83 -7.94
N LEU C 3 1.34 -15.61 -7.58
CA LEU C 3 2.43 -15.69 -8.54
C LEU C 3 2.58 -17.11 -9.06
N THR C 4 2.78 -17.23 -10.37
CA THR C 4 2.89 -18.51 -11.05
C THR C 4 4.30 -18.67 -11.62
N GLN C 5 4.93 -19.80 -11.33
CA GLN C 5 6.23 -20.15 -11.84
C GLN C 5 6.20 -21.61 -12.29
N PRO C 6 7.11 -22.01 -13.16
CA PRO C 6 7.26 -23.43 -13.46
C PRO C 6 8.02 -24.13 -12.33
N PRO C 7 7.48 -25.23 -11.81
CA PRO C 7 8.12 -25.87 -10.65
C PRO C 7 9.56 -26.29 -10.87
N SER C 8 9.91 -26.70 -12.08
CA SER C 8 11.26 -27.18 -12.37
C SER C 8 11.75 -26.59 -13.69
N ALA C 9 13.06 -26.49 -13.80
CA ALA C 9 13.71 -26.01 -15.01
C ALA C 9 15.14 -26.55 -15.03
N SER C 10 15.68 -26.76 -16.23
CA SER C 10 17.02 -27.32 -16.36
C SER C 10 17.64 -26.81 -17.65
N GLY C 11 18.97 -26.87 -17.70
CA GLY C 11 19.69 -26.44 -18.88
C GLY C 11 21.14 -26.88 -18.83
N THR C 12 21.75 -26.96 -20.01
CA THR C 12 23.15 -27.33 -20.14
C THR C 12 24.05 -26.12 -19.89
N PRO C 13 25.28 -26.33 -19.44
CA PRO C 13 26.18 -25.20 -19.23
C PRO C 13 26.40 -24.41 -20.52
N GLY C 14 26.49 -23.09 -20.37
CA GLY C 14 26.64 -22.21 -21.51
C GLY C 14 25.35 -21.85 -22.21
N GLN C 15 24.21 -22.32 -21.72
CA GLN C 15 22.92 -22.08 -22.34
C GLN C 15 22.16 -21.01 -21.59
N ARG C 16 21.48 -20.13 -22.33
CA ARG C 16 20.66 -19.09 -21.74
C ARG C 16 19.32 -19.67 -21.32
N VAL C 17 19.02 -19.63 -20.03
CA VAL C 17 17.78 -20.18 -19.46
C VAL C 17 16.97 -19.03 -18.89
N THR C 18 15.66 -19.05 -19.16
CA THR C 18 14.74 -18.02 -18.69
C THR C 18 13.79 -18.60 -17.66
N ILE C 19 13.68 -17.93 -16.52
CA ILE C 19 12.72 -18.27 -15.47
C ILE C 19 11.62 -17.21 -15.49
N PRO C 20 10.38 -17.56 -15.79
CA PRO C 20 9.30 -16.57 -15.83
C PRO C 20 8.54 -16.46 -14.51
N CYS C 21 8.08 -15.24 -14.22
CA CYS C 21 7.17 -14.99 -13.11
C CYS C 21 5.99 -14.22 -13.69
N SER C 22 4.85 -14.90 -13.80
CA SER C 22 3.65 -14.33 -14.41
C SER C 22 2.64 -14.03 -13.30
N GLY C 23 2.23 -12.77 -13.20
CA GLY C 23 1.33 -12.36 -12.16
C GLY C 23 0.03 -11.78 -12.67
N SER C 24 -0.29 -10.55 -12.24
CA SER C 24 -1.54 -9.91 -12.62
C SER C 24 -1.36 -8.40 -12.48
N SER C 25 -2.45 -7.67 -12.65
CA SER C 25 -2.38 -6.21 -12.59
C SER C 25 -2.07 -5.72 -11.19
N SER C 26 -2.60 -6.39 -10.17
CA SER C 26 -2.48 -5.90 -8.80
C SER C 26 -1.05 -6.04 -8.28
N ASN C 27 -0.38 -7.14 -8.61
CA ASN C 27 0.93 -7.44 -8.05
C ASN C 27 2.09 -7.11 -8.97
N ILE C 28 2.03 -7.48 -10.24
CA ILE C 28 3.11 -7.17 -11.16
C ILE C 28 2.82 -5.93 -12.00
N GLY C 29 1.53 -5.59 -12.19
CA GLY C 29 1.19 -4.46 -13.04
C GLY C 29 1.64 -3.12 -12.48
N ASN C 30 1.54 -2.94 -11.17
CA ASN C 30 1.77 -1.64 -10.56
C ASN C 30 3.12 -1.48 -9.90
N ASN C 31 3.64 -2.52 -9.28
CA ASN C 31 4.82 -2.40 -8.43
C ASN C 31 6.03 -3.07 -9.08
N TYR C 32 7.16 -2.94 -8.40
CA TYR C 32 8.40 -3.54 -8.87
C TYR C 32 8.35 -5.05 -8.71
N VAL C 33 9.37 -5.72 -9.27
CA VAL C 33 9.53 -7.17 -9.14
C VAL C 33 10.93 -7.43 -8.64
N TYR C 34 11.05 -8.27 -7.61
CA TYR C 34 12.32 -8.56 -6.98
C TYR C 34 12.61 -10.05 -7.07
N TRP C 35 13.86 -10.38 -7.36
CA TRP C 35 14.28 -11.76 -7.59
C TRP C 35 15.33 -12.17 -6.58
N TYR C 36 15.02 -13.21 -5.81
CA TYR C 36 15.85 -13.74 -4.74
C TYR C 36 16.25 -15.17 -5.06
N GLN C 37 17.40 -15.58 -4.52
CA GLN C 37 17.95 -16.91 -4.74
C GLN C 37 18.22 -17.59 -3.41
N GLN C 38 17.78 -18.84 -3.29
CA GLN C 38 17.97 -19.63 -2.07
C GLN C 38 18.75 -20.89 -2.40
N LEU C 39 19.98 -20.96 -1.92
CA LEU C 39 20.75 -22.20 -1.97
C LEU C 39 20.23 -23.16 -0.91
N PRO C 40 20.46 -24.46 -1.09
CA PRO C 40 20.02 -25.42 -0.06
C PRO C 40 20.86 -25.28 1.21
N GLY C 41 20.17 -25.18 2.34
CA GLY C 41 20.83 -25.04 3.62
C GLY C 41 21.24 -23.63 3.99
N THR C 42 20.82 -22.61 3.23
CA THR C 42 21.18 -21.24 3.51
C THR C 42 19.93 -20.35 3.43
N ALA C 43 20.00 -19.23 4.13
CA ALA C 43 18.92 -18.25 4.08
C ALA C 43 18.87 -17.59 2.70
N PRO C 44 17.70 -17.12 2.28
CA PRO C 44 17.61 -16.46 0.98
C PRO C 44 18.45 -15.19 0.93
N LYS C 45 18.94 -14.89 -0.25
CA LYS C 45 19.72 -13.68 -0.51
C LYS C 45 19.00 -12.83 -1.55
N LEU C 46 19.68 -11.77 -2.00
CA LEU C 46 19.14 -10.83 -2.97
C LEU C 46 19.94 -10.91 -4.26
N LEU C 47 19.25 -11.03 -5.39
CA LEU C 47 19.89 -10.98 -6.70
C LEU C 47 19.50 -9.75 -7.49
N VAL C 48 18.21 -9.47 -7.68
CA VAL C 48 17.79 -8.35 -8.50
C VAL C 48 16.68 -7.58 -7.82
N TYR C 49 16.76 -6.25 -7.87
CA TYR C 49 15.70 -5.38 -7.40
C TYR C 49 15.45 -4.31 -8.46
N GLY C 50 14.21 -3.81 -8.50
CA GLY C 50 13.88 -2.67 -9.31
C GLY C 50 13.94 -2.88 -10.81
N ASN C 51 14.02 -4.13 -11.26
CA ASN C 51 13.97 -4.48 -12.68
C ASN C 51 15.19 -4.02 -13.46
N ASN C 52 16.08 -3.26 -12.83
CA ASN C 52 17.26 -2.81 -13.57
C ASN C 52 18.57 -3.06 -12.84
N GLN C 53 18.62 -2.88 -11.53
CA GLN C 53 19.87 -2.85 -10.78
C GLN C 53 20.04 -4.12 -9.95
N ARG C 54 21.25 -4.25 -9.42
CA ARG C 54 21.67 -5.42 -8.64
C ARG C 54 22.52 -4.94 -7.48
N PRO C 55 22.60 -5.72 -6.40
CA PRO C 55 23.38 -5.31 -5.22
C PRO C 55 24.87 -5.47 -5.46
N SER C 56 25.64 -4.98 -4.50
CA SER C 56 27.08 -5.19 -4.51
C SER C 56 27.40 -6.65 -4.19
N GLY C 57 28.55 -7.11 -4.72
CA GLY C 57 28.95 -8.47 -4.52
C GLY C 57 28.23 -9.49 -5.37
N VAL C 58 27.49 -9.05 -6.39
CA VAL C 58 26.73 -9.93 -7.28
C VAL C 58 27.22 -9.67 -8.70
N PRO C 59 27.60 -10.70 -9.44
CA PRO C 59 28.04 -10.48 -10.83
C PRO C 59 26.89 -10.01 -11.71
N ASP C 60 27.25 -9.28 -12.77
CA ASP C 60 26.29 -8.78 -13.75
C ASP C 60 25.80 -9.86 -14.69
N ARG C 61 26.10 -11.12 -14.39
CA ARG C 61 25.73 -12.21 -15.29
C ARG C 61 24.22 -12.33 -15.45
N PHE C 62 23.48 -12.22 -14.35
CA PHE C 62 22.03 -12.35 -14.41
C PHE C 62 21.38 -11.11 -15.01
N SER C 63 20.37 -11.32 -15.85
CA SER C 63 19.66 -10.23 -16.50
C SER C 63 18.17 -10.38 -16.23
N VAL C 64 17.47 -9.24 -16.23
CA VAL C 64 16.06 -9.21 -15.90
C VAL C 64 15.31 -8.34 -16.90
N SER C 65 14.12 -8.80 -17.29
CA SER C 65 13.25 -8.01 -18.14
C SER C 65 11.85 -8.07 -17.59
N LYS C 66 11.06 -7.04 -17.88
CA LYS C 66 9.67 -6.97 -17.45
C LYS C 66 8.82 -6.50 -18.61
N SER C 67 7.73 -7.21 -18.89
CA SER C 67 6.86 -6.87 -20.01
C SER C 67 5.41 -7.09 -19.61
N GLY C 68 4.57 -6.11 -19.91
CA GLY C 68 3.14 -6.25 -19.63
C GLY C 68 2.88 -6.45 -18.16
N THR C 69 2.41 -7.65 -17.81
CA THR C 69 2.15 -8.02 -16.43
C THR C 69 2.99 -9.22 -15.99
N SER C 70 4.14 -9.44 -16.62
CA SER C 70 4.99 -10.56 -16.29
C SER C 70 6.44 -10.13 -16.30
N ALA C 71 7.30 -10.94 -15.70
CA ALA C 71 8.73 -10.66 -15.63
C ALA C 71 9.50 -11.94 -15.96
N SER C 72 10.76 -11.77 -16.34
CA SER C 72 11.61 -12.88 -16.69
C SER C 72 13.02 -12.62 -16.19
N LEU C 73 13.64 -13.67 -15.64
CA LEU C 73 15.03 -13.64 -15.22
C LEU C 73 15.82 -14.59 -16.11
N ALA C 74 16.71 -14.05 -16.93
CA ALA C 74 17.53 -14.83 -17.84
C ALA C 74 18.93 -14.95 -17.28
N ILE C 75 19.47 -16.17 -17.31
CA ILE C 75 20.80 -16.46 -16.79
C ILE C 75 21.66 -16.83 -17.98
N SER C 76 22.34 -15.84 -18.55
CA SER C 76 23.30 -16.11 -19.61
C SER C 76 24.56 -16.74 -19.01
N GLY C 77 25.19 -17.61 -19.79
CA GLY C 77 26.42 -18.24 -19.34
C GLY C 77 26.26 -19.05 -18.07
N LEU C 78 25.25 -19.91 -18.04
CA LEU C 78 24.99 -20.72 -16.85
C LEU C 78 26.19 -21.59 -16.52
N ARG C 79 26.46 -21.75 -15.23
CA ARG C 79 27.55 -22.58 -14.75
C ARG C 79 27.05 -23.44 -13.60
N SER C 80 27.96 -24.22 -13.01
CA SER C 80 27.57 -25.19 -11.99
C SER C 80 27.20 -24.51 -10.67
N GLU C 81 27.58 -23.26 -10.48
CA GLU C 81 27.32 -22.56 -9.23
C GLU C 81 25.91 -21.97 -9.14
N ASP C 82 24.96 -22.40 -9.97
CA ASP C 82 23.59 -21.90 -9.93
C ASP C 82 22.59 -22.97 -9.53
N GLU C 83 22.94 -23.83 -8.58
CA GLU C 83 22.04 -24.88 -8.08
C GLU C 83 21.26 -24.32 -6.90
N ALA C 84 20.19 -23.59 -7.21
CA ALA C 84 19.42 -22.93 -6.17
C ALA C 84 18.01 -22.63 -6.68
N ASP C 85 17.11 -22.36 -5.74
CA ASP C 85 15.74 -22.00 -6.07
C ASP C 85 15.64 -20.49 -6.26
N TYR C 86 14.73 -20.07 -7.14
CA TYR C 86 14.58 -18.66 -7.48
C TYR C 86 13.15 -18.22 -7.21
N TYR C 87 13.01 -17.17 -6.41
CA TYR C 87 11.70 -16.66 -6.01
C TYR C 87 11.50 -15.24 -6.52
N CYS C 88 10.31 -14.96 -7.03
CA CYS C 88 9.91 -13.63 -7.45
C CYS C 88 8.94 -13.04 -6.44
N ALA C 89 9.11 -11.77 -6.12
CA ALA C 89 8.34 -11.10 -5.10
C ALA C 89 7.82 -9.76 -5.62
N ALA C 90 6.61 -9.40 -5.23
CA ALA C 90 6.01 -8.13 -5.63
C ALA C 90 4.84 -7.84 -4.70
N TRP C 91 4.77 -6.61 -4.21
CA TRP C 91 3.67 -6.23 -3.34
C TRP C 91 2.35 -6.37 -4.08
N ASP C 92 1.36 -6.99 -3.43
CA ASP C 92 0.07 -7.27 -4.00
C ASP C 92 -1.02 -6.66 -3.14
N ASP C 93 -1.95 -5.94 -3.79
CA ASP C 93 -3.12 -5.36 -3.13
C ASP C 93 -4.36 -6.07 -3.66
N GLY C 94 -5.14 -6.67 -2.76
CA GLY C 94 -6.30 -7.44 -3.15
C GLY C 94 -7.50 -7.11 -2.29
N LEU C 95 -8.66 -7.62 -2.74
CA LEU C 95 -9.92 -7.37 -2.04
C LEU C 95 -9.90 -7.94 -0.63
N SER C 96 -9.23 -9.07 -0.42
CA SER C 96 -9.14 -9.66 0.91
C SER C 96 -8.09 -8.95 1.76
N GLY C 97 -6.85 -8.91 1.29
CA GLY C 97 -5.78 -8.27 2.02
C GLY C 97 -4.71 -7.70 1.12
N SER C 98 -3.50 -7.55 1.64
CA SER C 98 -2.38 -7.04 0.86
C SER C 98 -1.08 -7.47 1.51
N GLY C 99 -0.07 -7.71 0.69
CA GLY C 99 1.23 -8.06 1.23
C GLY C 99 2.17 -8.55 0.14
N TRP C 100 3.33 -9.04 0.61
CA TRP C 100 4.41 -9.52 -0.25
C TRP C 100 4.12 -10.97 -0.66
N VAL C 101 3.39 -11.12 -1.76
CA VAL C 101 3.19 -12.45 -2.31
C VAL C 101 4.51 -12.94 -2.91
N PHE C 102 4.82 -14.20 -2.67
CA PHE C 102 6.01 -14.81 -3.22
C PHE C 102 5.62 -15.82 -4.30
N GLY C 103 6.62 -16.52 -4.84
CA GLY C 103 6.40 -17.51 -5.87
C GLY C 103 6.62 -18.92 -5.35
N GLY C 104 6.18 -19.89 -6.15
CA GLY C 104 6.34 -21.28 -5.77
C GLY C 104 7.79 -21.69 -5.63
N GLY C 105 8.66 -21.14 -6.46
CA GLY C 105 10.08 -21.46 -6.40
C GLY C 105 10.48 -22.50 -7.42
N THR C 106 11.33 -22.11 -8.37
CA THR C 106 11.75 -22.97 -9.47
C THR C 106 13.08 -23.62 -9.12
N LYS C 107 13.10 -24.95 -9.13
CA LYS C 107 14.32 -25.70 -8.87
C LYS C 107 15.09 -25.82 -10.18
N LEU C 108 16.21 -25.12 -10.28
CA LEU C 108 16.99 -25.05 -11.51
C LEU C 108 18.13 -26.06 -11.44
N THR C 109 18.26 -26.87 -12.49
CA THR C 109 19.24 -27.96 -12.52
C THR C 109 20.19 -27.76 -13.70
N VAL C 110 21.46 -28.08 -13.49
CA VAL C 110 22.49 -28.03 -14.52
C VAL C 110 22.97 -29.43 -14.81
N LEU C 111 23.02 -29.79 -16.08
CA LEU C 111 23.46 -31.12 -16.49
C LEU C 111 24.97 -31.18 -16.65
#